data_2BCM
#
_entry.id   2BCM
#
_cell.length_a   68.273
_cell.length_b   68.273
_cell.length_c   97.756
_cell.angle_alpha   90.00
_cell.angle_beta   90.00
_cell.angle_gamma   90.00
#
_symmetry.space_group_name_H-M   'P 41'
#
loop_
_entity.id
_entity.type
_entity.pdbx_description
1 polymer 'F1845 fimbrial protein'
2 water water
#
_entity_poly.entity_id   1
_entity_poly.type   'polypeptide(L)'
_entity_poly.pdbx_seq_one_letter_code
;MTFQASGTTGITTLTVTEECRVQVGNVTATLARSKLKDDTAIGVIGVTALGCNGLQAALQADPDNYDATNLYMTSRNHDK
LNVKLKATDGSSWTYGNGVFYKTEGGNWGGHVGISVDGNQTDKPTGEYTLNLTGGYWTNDNKQTFQASGTTGITTLTLEH
HHHHH
;
_entity_poly.pdbx_strand_id   B,A,C
#
# COMPACT_ATOMS: atom_id res chain seq x y z
N THR A 2 16.34 3.57 -26.75
CA THR A 2 16.14 4.59 -25.68
C THR A 2 14.77 4.43 -25.00
N PHE A 3 14.76 4.34 -23.69
CA PHE A 3 13.52 4.28 -22.89
C PHE A 3 12.94 5.67 -22.64
N GLN A 4 11.65 5.83 -22.95
CA GLN A 4 10.86 7.03 -22.69
C GLN A 4 9.81 6.69 -21.62
N ALA A 5 9.89 7.30 -20.45
CA ALA A 5 8.95 7.03 -19.37
C ALA A 5 7.56 7.52 -19.76
N SER A 6 6.57 6.64 -19.60
CA SER A 6 5.19 6.95 -19.89
C SER A 6 4.31 5.83 -19.41
N GLY A 7 3.76 6.02 -18.21
CA GLY A 7 2.99 4.96 -17.58
C GLY A 7 3.29 4.85 -16.07
N THR A 8 2.78 3.77 -15.50
CA THR A 8 2.82 3.59 -14.06
C THR A 8 3.92 2.61 -13.64
N THR A 9 4.10 2.53 -12.32
CA THR A 9 5.14 1.70 -11.71
C THR A 9 4.49 0.58 -10.90
N GLY A 10 4.97 -0.64 -11.10
CA GLY A 10 4.53 -1.79 -10.34
C GLY A 10 5.67 -2.39 -9.55
N ILE A 11 5.42 -2.68 -8.29
CA ILE A 11 6.40 -3.31 -7.39
C ILE A 11 6.16 -4.81 -7.30
N THR A 12 7.24 -5.58 -7.30
CA THR A 12 7.19 -7.02 -7.10
C THR A 12 8.02 -7.32 -5.88
N THR A 13 7.49 -8.15 -4.97
CA THR A 13 8.13 -8.40 -3.68
C THR A 13 8.27 -9.89 -3.49
N LEU A 14 9.42 -10.27 -2.93
CA LEU A 14 9.70 -11.66 -2.55
C LEU A 14 10.34 -11.63 -1.18
N THR A 15 9.83 -12.45 -0.26
CA THR A 15 10.48 -12.61 1.03
C THR A 15 11.20 -13.94 1.06
N VAL A 16 12.51 -13.89 1.30
CA VAL A 16 13.31 -15.11 1.41
C VAL A 16 13.31 -15.52 2.88
N THR A 17 13.07 -16.81 3.13
CA THR A 17 12.77 -17.30 4.48
C THR A 17 13.68 -18.48 4.82
N GLU A 18 13.54 -18.97 6.05
CA GLU A 18 14.07 -20.28 6.41
C GLU A 18 13.06 -21.34 5.97
N GLU A 19 13.34 -22.63 6.21
CA GLU A 19 12.43 -23.69 5.75
C GLU A 19 11.09 -23.62 6.47
N CYS A 20 11.13 -23.31 7.77
CA CYS A 20 9.89 -23.00 8.54
C CYS A 20 9.65 -21.50 8.40
N ARG A 21 8.49 -21.12 7.90
CA ARG A 21 8.16 -19.72 7.75
C ARG A 21 6.69 -19.48 8.02
N VAL A 22 6.40 -18.26 8.47
CA VAL A 22 5.05 -17.87 8.83
C VAL A 22 4.67 -16.63 8.05
N GLN A 23 3.57 -16.75 7.26
CA GLN A 23 3.02 -15.61 6.52
C GLN A 23 1.99 -14.92 7.39
N VAL A 24 2.14 -13.62 7.60
CA VAL A 24 1.27 -12.82 8.46
C VAL A 24 0.63 -11.73 7.63
N GLY A 25 -0.69 -11.70 7.68
CA GLY A 25 -1.47 -10.74 6.90
C GLY A 25 -1.76 -11.25 5.53
N ASN A 26 -1.67 -10.34 4.58
CA ASN A 26 -2.03 -10.68 3.22
C ASN A 26 -1.03 -11.69 2.71
N VAL A 27 -1.52 -12.60 1.89
CA VAL A 27 -0.66 -13.59 1.28
C VAL A 27 0.26 -12.96 0.23
N THR A 28 1.57 -13.24 0.36
CA THR A 28 2.56 -12.70 -0.55
C THR A 28 3.62 -13.77 -0.88
N ALA A 29 4.47 -13.52 -1.85
CA ALA A 29 5.41 -14.54 -2.31
C ALA A 29 6.58 -14.74 -1.33
N THR A 30 6.86 -16.00 -1.02
CA THR A 30 8.00 -16.36 -0.18
C THR A 30 8.71 -17.55 -0.78
N LEU A 31 10.03 -17.62 -0.57
CA LEU A 31 10.83 -18.79 -0.95
C LEU A 31 11.88 -19.00 0.13
N ALA A 32 12.03 -20.24 0.58
CA ALA A 32 13.17 -20.58 1.43
C ALA A 32 14.48 -20.44 0.66
N ARG A 33 15.55 -20.12 1.39
CA ARG A 33 16.87 -19.93 0.79
C ARG A 33 17.19 -21.12 -0.09
N SER A 34 16.90 -22.34 0.38
CA SER A 34 17.25 -23.53 -0.38
C SER A 34 16.49 -23.69 -1.70
N LYS A 35 15.43 -22.91 -1.89
CA LYS A 35 14.61 -22.98 -3.10
C LYS A 35 14.99 -21.91 -4.13
N LEU A 36 16.08 -21.18 -3.88
CA LEU A 36 16.51 -20.13 -4.80
C LEU A 36 17.35 -20.73 -5.93
N LYS A 37 16.71 -21.53 -6.74
CA LYS A 37 17.33 -22.27 -7.82
C LYS A 37 16.99 -21.62 -9.14
N ASP A 38 17.89 -21.75 -10.09
CA ASP A 38 17.64 -21.28 -11.43
C ASP A 38 16.23 -21.64 -11.92
N ASP A 39 15.56 -20.63 -12.49
CA ASP A 39 14.27 -20.76 -13.13
C ASP A 39 13.07 -20.88 -12.16
N THR A 40 13.32 -20.74 -10.87
CA THR A 40 12.23 -20.81 -9.93
C THR A 40 11.34 -19.57 -10.11
N ALA A 41 10.03 -19.80 -10.24
CA ALA A 41 9.06 -18.72 -10.37
C ALA A 41 8.99 -17.89 -9.09
N ILE A 42 9.01 -16.58 -9.26
CA ILE A 42 8.84 -15.64 -8.17
C ILE A 42 7.47 -14.98 -8.19
N GLY A 43 7.06 -14.50 -9.35
CA GLY A 43 5.80 -13.80 -9.47
C GLY A 43 5.52 -13.41 -10.91
N VAL A 44 4.38 -12.78 -11.13
CA VAL A 44 4.01 -12.21 -12.42
C VAL A 44 3.50 -10.81 -12.17
N ILE A 45 3.60 -9.97 -13.19
CA ILE A 45 3.11 -8.62 -13.07
C ILE A 45 2.33 -8.29 -14.35
N GLY A 46 1.19 -7.64 -14.17
CA GLY A 46 0.34 -7.25 -15.28
C GLY A 46 0.92 -6.06 -16.01
N VAL A 47 0.84 -6.07 -17.34
CA VAL A 47 1.40 -5.02 -18.19
C VAL A 47 0.41 -4.76 -19.35
N THR A 48 0.04 -3.49 -19.56
CA THR A 48 -0.87 -3.09 -20.63
C THR A 48 -0.33 -1.85 -21.34
N ALA A 49 -0.07 -2.00 -22.64
CA ALA A 49 0.40 -0.90 -23.49
C ALA A 49 -0.77 -0.41 -24.32
N LEU A 50 -1.05 0.89 -24.21
CA LEU A 50 -2.18 1.56 -24.87
C LEU A 50 -1.76 2.77 -25.63
N GLY A 51 -2.40 3.04 -26.77
CA GLY A 51 -2.10 4.23 -27.54
C GLY A 51 -0.75 4.20 -28.22
N CYS A 52 -0.24 2.99 -28.47
CA CYS A 52 1.15 2.76 -28.84
C CYS A 52 1.32 2.25 -30.26
N ASN A 53 0.39 2.59 -31.14
CA ASN A 53 0.60 2.32 -32.55
C ASN A 53 1.98 2.83 -32.91
N GLY A 54 2.76 1.96 -33.55
CA GLY A 54 4.05 2.34 -34.06
C GLY A 54 5.19 2.34 -33.08
N LEU A 55 4.91 2.05 -31.80
CA LEU A 55 5.93 2.12 -30.76
C LEU A 55 6.05 0.82 -29.97
N GLN A 56 7.25 0.55 -29.48
CA GLN A 56 7.51 -0.68 -28.72
C GLN A 56 7.34 -0.49 -27.22
N ALA A 57 6.43 -1.28 -26.65
CA ALA A 57 6.23 -1.24 -25.19
C ALA A 57 7.50 -1.59 -24.44
N ALA A 58 7.67 -0.98 -23.27
CA ALA A 58 8.87 -1.21 -22.46
C ALA A 58 8.64 -1.05 -20.96
N LEU A 59 9.51 -1.71 -20.22
CA LEU A 59 9.61 -1.56 -18.77
C LEU A 59 11.04 -1.13 -18.42
N GLN A 60 11.18 -0.26 -17.40
CA GLN A 60 12.49 0.14 -16.92
C GLN A 60 12.58 -0.18 -15.45
N ALA A 61 13.69 -0.80 -15.06
CA ALA A 61 14.00 -1.04 -13.68
C ALA A 61 14.59 0.20 -13.01
N ASP A 62 14.41 0.30 -11.69
CA ASP A 62 15.08 1.33 -10.90
C ASP A 62 16.59 1.18 -10.98
N PRO A 63 17.36 2.29 -10.89
CA PRO A 63 18.82 2.18 -10.97
C PRO A 63 19.48 1.33 -9.93
N ASP A 64 18.81 1.14 -8.82
CA ASP A 64 19.33 0.19 -7.82
CA ASP A 64 20.25 0.12 -7.81
C ASP A 64 18.63 -1.19 -7.86
C ASP A 64 19.75 -1.32 -8.02
N ASN A 65 18.04 -1.47 -9.03
N ASN A 65 18.91 -1.56 -9.04
CA ASN A 65 17.74 -2.85 -9.50
CA ASN A 65 18.31 -2.91 -9.28
C ASN A 65 18.55 -3.43 -10.72
C ASN A 65 18.78 -3.53 -10.56
N TYR A 66 19.65 -2.82 -11.21
CA TYR A 66 20.42 -3.43 -12.25
C TYR A 66 21.76 -2.81 -12.23
N ASP A 67 22.63 -3.50 -12.92
CA ASP A 67 23.97 -3.06 -13.15
C ASP A 67 24.26 -3.46 -14.56
N ALA A 68 25.51 -3.36 -14.93
CA ALA A 68 25.86 -3.61 -16.29
C ALA A 68 25.48 -4.99 -16.85
N THR A 69 25.37 -6.05 -16.01
CA THR A 69 25.11 -7.46 -16.45
C THR A 69 23.74 -8.13 -16.02
N ASN A 70 23.28 -7.80 -14.83
CA ASN A 70 22.10 -8.47 -14.20
C ASN A 70 21.02 -7.46 -13.87
N LEU A 71 19.79 -7.96 -13.91
CA LEU A 71 18.64 -7.39 -13.28
C LEU A 71 18.48 -8.09 -11.92
N TYR A 72 18.19 -7.34 -10.87
CA TYR A 72 18.05 -7.97 -9.55
C TYR A 72 17.01 -7.32 -8.66
N MET A 73 16.34 -8.14 -7.85
CA MET A 73 15.55 -7.67 -6.74
C MET A 73 16.52 -7.30 -5.62
N THR A 74 16.17 -6.30 -4.82
CA THR A 74 17.12 -5.82 -3.78
C THR A 74 16.49 -5.76 -2.40
N SER A 75 17.26 -6.12 -1.36
CA SER A 75 16.83 -5.97 0.03
C SER A 75 17.17 -4.58 0.54
N ARG A 76 16.74 -4.33 1.78
CA ARG A 76 17.02 -3.07 2.42
C ARG A 76 18.51 -2.89 2.67
N ASN A 77 19.28 -4.00 2.67
CA ASN A 77 20.75 -3.93 2.83
C ASN A 77 21.47 -4.06 1.49
N HIS A 78 20.72 -3.90 0.41
CA HIS A 78 21.28 -3.99 -0.94
C HIS A 78 21.84 -5.37 -1.30
N ASP A 79 21.31 -6.40 -0.63
CA ASP A 79 21.47 -7.76 -1.13
C ASP A 79 20.77 -7.83 -2.47
N LYS A 80 21.34 -8.60 -3.39
CA LYS A 80 20.85 -8.68 -4.78
C LYS A 80 20.48 -10.10 -5.13
N LEU A 81 19.22 -10.30 -5.52
CA LEU A 81 18.77 -11.59 -6.05
C LEU A 81 18.58 -11.40 -7.55
N ASN A 82 19.47 -11.97 -8.34
CA ASN A 82 19.39 -11.84 -9.78
C ASN A 82 18.15 -12.57 -10.30
N VAL A 83 17.41 -11.88 -11.15
CA VAL A 83 16.16 -12.40 -11.74
C VAL A 83 16.11 -12.13 -13.24
N LYS A 84 15.14 -12.75 -13.90
CA LYS A 84 14.90 -12.54 -15.30
C LYS A 84 13.41 -12.46 -15.60
N LEU A 85 13.11 -11.81 -16.73
CA LEU A 85 11.78 -11.46 -17.17
C LEU A 85 11.39 -12.20 -18.47
N LYS A 86 10.15 -12.68 -18.50
CA LYS A 86 9.61 -13.33 -19.70
C LYS A 86 8.11 -13.12 -19.83
N ALA A 87 7.65 -12.63 -20.99
CA ALA A 87 6.21 -12.48 -21.19
C ALA A 87 5.57 -13.88 -21.19
N THR A 88 4.47 -14.01 -20.47
CA THR A 88 3.87 -15.34 -20.29
C THR A 88 3.18 -15.87 -21.53
N ASP A 89 2.91 -15.01 -22.51
CA ASP A 89 2.26 -15.44 -23.74
C ASP A 89 3.23 -15.83 -24.84
N GLY A 90 4.50 -15.89 -24.53
CA GLY A 90 5.48 -16.28 -25.52
C GLY A 90 5.92 -15.19 -26.46
N SER A 91 5.38 -13.97 -26.31
CA SER A 91 5.79 -12.88 -27.18
C SER A 91 7.30 -12.56 -26.98
N SER A 92 7.91 -11.98 -28.01
CA SER A 92 9.33 -11.65 -28.04
C SER A 92 9.63 -10.27 -27.42
N TRP A 93 10.54 -10.28 -26.44
CA TRP A 93 11.05 -9.07 -25.80
C TRP A 93 12.57 -9.20 -25.61
N THR A 94 13.26 -8.07 -25.46
CA THR A 94 14.70 -8.03 -25.21
C THR A 94 14.97 -7.39 -23.87
N TYR A 95 15.89 -7.95 -23.08
CA TYR A 95 16.33 -7.34 -21.84
C TYR A 95 17.77 -6.84 -22.02
N GLY A 96 18.01 -5.60 -21.64
CA GLY A 96 19.39 -5.10 -21.54
C GLY A 96 19.44 -3.81 -20.76
N ASN A 97 20.42 -3.69 -19.88
CA ASN A 97 20.68 -2.39 -19.23
C ASN A 97 19.45 -1.82 -18.54
N GLY A 98 18.75 -2.70 -17.83
CA GLY A 98 17.62 -2.27 -17.01
C GLY A 98 16.33 -2.09 -17.79
N VAL A 99 16.34 -2.34 -19.10
CA VAL A 99 15.14 -2.11 -19.93
C VAL A 99 14.69 -3.44 -20.54
N PHE A 100 13.39 -3.70 -20.47
CA PHE A 100 12.76 -4.87 -21.06
C PHE A 100 11.79 -4.33 -22.12
N TYR A 101 12.10 -4.50 -23.41
CA TYR A 101 11.32 -3.86 -24.45
C TYR A 101 10.85 -4.87 -25.51
N LYS A 102 9.64 -4.66 -25.96
CA LYS A 102 8.98 -5.61 -26.86
C LYS A 102 9.51 -5.46 -28.29
N THR A 103 9.67 -6.59 -28.96
CA THR A 103 10.25 -6.62 -30.29
C THR A 103 9.31 -6.02 -31.32
N GLU A 104 8.05 -6.43 -31.27
CA GLU A 104 7.02 -5.91 -32.17
C GLU A 104 6.36 -4.69 -31.53
N GLY A 105 6.23 -3.62 -32.31
CA GLY A 105 5.52 -2.42 -31.88
C GLY A 105 4.02 -2.63 -31.81
N GLY A 106 3.34 -1.70 -31.18
CA GLY A 106 1.88 -1.78 -31.08
C GLY A 106 1.35 -2.04 -29.70
N ASN A 107 0.03 -1.97 -29.58
CA ASN A 107 -0.65 -2.26 -28.33
C ASN A 107 -0.60 -3.73 -27.95
N TRP A 108 -0.58 -3.98 -26.66
CA TRP A 108 -0.45 -5.30 -26.13
C TRP A 108 -0.82 -5.29 -24.68
N GLY A 109 -1.47 -6.35 -24.24
CA GLY A 109 -1.66 -6.58 -22.84
C GLY A 109 -1.44 -8.00 -22.44
N GLY A 110 -0.91 -8.19 -21.24
CA GLY A 110 -0.62 -9.54 -20.74
C GLY A 110 0.12 -9.47 -19.42
N HIS A 111 1.02 -10.44 -19.21
CA HIS A 111 1.78 -10.56 -17.98
C HIS A 111 3.23 -10.88 -18.27
N VAL A 112 4.08 -10.34 -17.39
CA VAL A 112 5.49 -10.64 -17.40
C VAL A 112 5.86 -11.44 -16.16
N GLY A 113 6.45 -12.59 -16.39
CA GLY A 113 6.90 -13.45 -15.30
C GLY A 113 8.32 -13.10 -14.85
N ILE A 114 8.52 -13.18 -13.54
CA ILE A 114 9.79 -12.91 -12.88
C ILE A 114 10.23 -14.26 -12.27
N SER A 115 11.44 -14.68 -12.61
CA SER A 115 12.01 -15.91 -12.06
C SER A 115 13.48 -15.73 -11.69
N VAL A 116 13.95 -16.64 -10.83
CA VAL A 116 15.32 -16.63 -10.38
C VAL A 116 16.27 -16.89 -11.56
N ASP A 117 17.33 -16.08 -11.64
CA ASP A 117 18.32 -16.15 -12.72
C ASP A 117 19.64 -16.64 -12.11
N GLY A 118 19.87 -17.95 -12.18
CA GLY A 118 21.05 -18.61 -11.58
C GLY A 118 20.81 -19.08 -10.16
N ASN A 119 21.40 -20.21 -9.80
CA ASN A 119 21.27 -20.77 -8.46
C ASN A 119 21.87 -19.77 -7.48
N GLN A 120 21.13 -19.44 -6.43
CA GLN A 120 21.49 -18.39 -5.50
C GLN A 120 21.07 -18.71 -4.07
N THR A 121 21.30 -19.95 -3.66
CA THR A 121 20.89 -20.42 -2.33
C THR A 121 21.74 -19.80 -1.20
N ASP A 122 22.82 -19.13 -1.59
CA ASP A 122 23.71 -18.38 -0.68
C ASP A 122 23.17 -16.98 -0.32
N LYS A 123 22.11 -16.50 -0.96
CA LYS A 123 21.57 -15.18 -0.63
C LYS A 123 20.78 -15.19 0.70
N PRO A 124 20.84 -14.12 1.49
CA PRO A 124 20.23 -14.08 2.83
C PRO A 124 18.72 -13.92 2.89
N THR A 125 18.15 -14.29 4.03
CA THR A 125 16.75 -14.01 4.27
C THR A 125 16.47 -12.51 4.30
N GLY A 126 15.22 -12.16 3.99
CA GLY A 126 14.78 -10.79 4.03
C GLY A 126 13.80 -10.48 2.92
N GLU A 127 13.32 -9.25 2.90
CA GLU A 127 12.39 -8.78 1.87
C GLU A 127 13.16 -8.16 0.70
N TYR A 128 12.95 -8.67 -0.50
CA TYR A 128 13.55 -8.17 -1.73
C TYR A 128 12.46 -7.60 -2.62
N THR A 129 12.75 -6.46 -3.27
CA THR A 129 11.77 -5.75 -4.11
C THR A 129 12.37 -5.39 -5.46
N LEU A 130 11.50 -5.30 -6.46
CA LEU A 130 11.88 -4.87 -7.78
C LEU A 130 10.79 -3.93 -8.31
N ASN A 131 11.13 -2.70 -8.65
CA ASN A 131 10.15 -1.78 -9.24
C ASN A 131 10.36 -1.73 -10.75
N LEU A 132 9.26 -1.81 -11.50
CA LEU A 132 9.30 -1.71 -12.94
C LEU A 132 8.35 -0.59 -13.38
N THR A 133 8.86 0.33 -14.21
CA THR A 133 8.12 1.48 -14.69
C THR A 133 7.82 1.37 -16.16
N GLY A 134 6.58 1.67 -16.52
CA GLY A 134 6.13 1.59 -17.90
C GLY A 134 6.59 2.75 -18.78
N GLY A 135 6.79 2.43 -20.06
CA GLY A 135 7.12 3.45 -21.07
C GLY A 135 7.27 2.77 -22.39
N TYR A 136 8.00 3.40 -23.31
CA TYR A 136 8.23 2.81 -24.62
C TYR A 136 9.65 3.04 -25.08
N TRP A 137 10.02 2.26 -26.09
CA TRP A 137 11.39 2.22 -26.60
C TRP A 137 11.41 2.83 -27.99
N THR A 138 12.37 3.72 -28.25
CA THR A 138 12.61 4.24 -29.61
C THR A 138 14.05 3.94 -29.99
N ASN A 139 14.29 3.83 -31.30
CA ASN A 139 15.60 3.48 -31.81
C ASN A 139 16.23 4.73 -32.43
N THR B 2 -13.92 25.90 11.18
CA THR B 2 -12.66 25.24 11.58
C THR B 2 -12.81 23.73 11.40
N PHE B 3 -11.78 23.11 10.82
CA PHE B 3 -11.77 21.67 10.58
C PHE B 3 -11.25 20.98 11.83
N GLN B 4 -11.95 19.92 12.23
CA GLN B 4 -11.45 18.99 13.24
C GLN B 4 -11.27 17.61 12.62
N ALA B 5 -10.05 17.09 12.67
CA ALA B 5 -9.77 15.76 12.16
C ALA B 5 -10.46 14.67 13.01
N SER B 6 -11.17 13.79 12.33
CA SER B 6 -11.85 12.66 12.96
C SER B 6 -12.25 11.70 11.87
N GLY B 7 -11.42 10.70 11.65
CA GLY B 7 -11.62 9.80 10.55
C GLY B 7 -10.35 9.41 9.83
N THR B 8 -10.52 8.82 8.66
CA THR B 8 -9.42 8.21 7.95
C THR B 8 -9.01 9.06 6.75
N THR B 9 -7.86 8.70 6.18
CA THR B 9 -7.25 9.39 5.04
C THR B 9 -7.31 8.50 3.79
N GLY B 10 -7.78 9.08 2.69
CA GLY B 10 -7.90 8.41 1.40
C GLY B 10 -6.98 9.04 0.39
N ILE B 11 -6.29 8.20 -0.38
CA ILE B 11 -5.29 8.60 -1.38
C ILE B 11 -5.88 8.49 -2.76
N THR B 12 -5.66 9.52 -3.56
CA THR B 12 -6.04 9.51 -4.97
C THR B 12 -4.78 9.79 -5.78
N THR B 13 -4.60 8.97 -6.82
CA THR B 13 -3.40 8.99 -7.63
C THR B 13 -3.78 9.18 -9.11
N LEU B 14 -3.01 10.01 -9.80
CA LEU B 14 -3.14 10.18 -11.23
C LEU B 14 -1.76 10.21 -11.81
N THR B 15 -1.53 9.44 -12.86
CA THR B 15 -0.24 9.47 -13.57
C THR B 15 -0.41 10.13 -14.90
N VAL B 16 0.36 11.19 -15.13
CA VAL B 16 0.31 11.94 -16.37
C VAL B 16 1.33 11.26 -17.28
N THR B 17 0.92 10.98 -18.52
CA THR B 17 1.69 10.21 -19.45
C THR B 17 1.81 10.88 -20.80
N GLU B 18 2.57 10.24 -21.69
CA GLU B 18 2.49 10.54 -23.12
C GLU B 18 1.26 9.80 -23.75
N GLU B 19 1.07 9.92 -25.07
CA GLU B 19 -0.10 9.28 -25.71
C GLU B 19 0.03 7.77 -25.67
N CYS B 20 1.24 7.29 -25.95
CA CYS B 20 1.54 5.88 -25.72
C CYS B 20 1.97 5.73 -24.25
N ARG B 21 1.31 4.82 -23.54
CA ARG B 21 1.59 4.61 -22.11
C ARG B 21 1.45 3.15 -21.76
N VAL B 22 2.18 2.75 -20.72
CA VAL B 22 2.17 1.35 -20.27
C VAL B 22 1.82 1.31 -18.78
N GLN B 23 0.71 0.68 -18.45
CA GLN B 23 0.29 0.48 -17.05
C GLN B 23 0.89 -0.81 -16.55
N VAL B 24 1.56 -0.74 -15.40
CA VAL B 24 2.30 -1.88 -14.83
C VAL B 24 1.78 -2.13 -13.43
N GLY B 25 1.37 -3.35 -13.14
CA GLY B 25 0.90 -3.70 -11.79
C GLY B 25 -0.52 -3.26 -11.49
N ASN B 26 -0.77 -2.84 -10.25
CA ASN B 26 -2.12 -2.40 -9.84
C ASN B 26 -2.58 -1.32 -10.80
N VAL B 27 -3.84 -1.41 -11.25
CA VAL B 27 -4.42 -0.46 -12.19
C VAL B 27 -4.74 0.86 -11.47
N THR B 28 -4.15 1.93 -11.96
CA THR B 28 -4.40 3.26 -11.43
C THR B 28 -4.57 4.22 -12.59
N ALA B 29 -5.23 5.34 -12.34
CA ALA B 29 -5.65 6.24 -13.38
C ALA B 29 -4.50 6.90 -14.10
N THR B 30 -4.65 7.05 -15.42
CA THR B 30 -3.69 7.80 -16.21
C THR B 30 -4.41 8.77 -17.17
N LEU B 31 -3.73 9.86 -17.48
CA LEU B 31 -4.16 10.82 -18.53
C LEU B 31 -2.92 11.34 -19.25
N ALA B 32 -2.97 11.37 -20.59
CA ALA B 32 -1.92 12.05 -21.36
C ALA B 32 -1.89 13.54 -21.06
N ARG B 33 -0.73 14.14 -21.23
CA ARG B 33 -0.56 15.60 -21.00
C ARG B 33 -1.65 16.35 -21.78
N SER B 34 -1.86 15.91 -23.02
CA SER B 34 -2.73 16.64 -23.94
C SER B 34 -4.20 16.58 -23.51
N LYS B 35 -4.54 15.69 -22.56
CA LYS B 35 -5.87 15.48 -22.06
C LYS B 35 -6.16 16.20 -20.71
N LEU B 36 -5.18 16.99 -20.25
CA LEU B 36 -5.35 17.73 -19.00
C LEU B 36 -6.14 19.02 -19.25
N LYS B 37 -7.39 18.88 -19.63
CA LYS B 37 -8.25 19.99 -19.94
C LYS B 37 -9.21 20.27 -18.79
N ASP B 38 -9.68 21.50 -18.70
CA ASP B 38 -10.66 21.88 -17.70
C ASP B 38 -11.82 20.90 -17.72
N ASP B 39 -12.22 20.47 -16.51
CA ASP B 39 -13.36 19.56 -16.28
C ASP B 39 -13.11 18.10 -16.63
N THR B 40 -11.88 17.73 -16.96
CA THR B 40 -11.59 16.34 -17.26
C THR B 40 -11.68 15.54 -15.93
N ALA B 41 -12.44 14.43 -15.93
CA ALA B 41 -12.54 13.56 -14.77
C ALA B 41 -11.22 12.88 -14.44
N ILE B 42 -10.89 12.85 -13.15
CA ILE B 42 -9.67 12.19 -12.66
C ILE B 42 -9.98 10.95 -11.85
N GLY B 43 -10.91 11.08 -10.91
CA GLY B 43 -11.27 9.97 -10.02
C GLY B 43 -12.41 10.31 -9.09
N VAL B 44 -12.75 9.35 -8.24
CA VAL B 44 -13.77 9.48 -7.25
C VAL B 44 -13.20 8.95 -5.94
N ILE B 45 -13.68 9.50 -4.84
CA ILE B 45 -13.32 8.99 -3.54
C ILE B 45 -14.57 8.84 -2.69
N GLY B 46 -14.67 7.67 -2.05
CA GLY B 46 -15.76 7.43 -1.16
C GLY B 46 -15.64 8.16 0.15
N VAL B 47 -16.80 8.63 0.64
CA VAL B 47 -16.86 9.38 1.89
C VAL B 47 -18.10 8.90 2.64
N THR B 48 -17.91 8.54 3.91
CA THR B 48 -19.01 8.13 4.80
C THR B 48 -18.83 8.80 6.15
N ALA B 49 -19.80 9.63 6.53
CA ALA B 49 -19.80 10.38 7.75
C ALA B 49 -20.83 9.76 8.71
N LEU B 50 -20.36 9.39 9.90
CA LEU B 50 -21.14 8.73 11.00
C LEU B 50 -21.06 9.42 12.31
N GLY B 51 -22.17 9.30 13.07
CA GLY B 51 -22.22 9.91 14.37
C GLY B 51 -22.21 11.41 14.32
N CYS B 52 -22.69 11.95 13.20
CA CYS B 52 -22.50 13.36 12.91
C CYS B 52 -23.81 14.14 12.96
N ASN B 53 -24.86 13.61 13.59
CA ASN B 53 -26.02 14.48 13.86
C ASN B 53 -25.52 15.84 14.39
N GLY B 54 -26.01 16.92 13.80
CA GLY B 54 -25.68 18.27 14.26
C GLY B 54 -24.33 18.85 13.85
N LEU B 55 -23.59 18.12 13.04
CA LEU B 55 -22.26 18.54 12.62
C LEU B 55 -22.11 18.38 11.12
N GLN B 56 -21.24 19.21 10.54
CA GLN B 56 -21.01 19.20 9.08
C GLN B 56 -19.79 18.36 8.67
N ALA B 57 -20.04 17.33 7.84
CA ALA B 57 -18.96 16.46 7.34
C ALA B 57 -17.93 17.29 6.56
N ALA B 58 -16.66 16.90 6.68
CA ALA B 58 -15.60 17.61 5.97
C ALA B 58 -14.41 16.74 5.59
N LEU B 59 -13.70 17.20 4.55
CA LEU B 59 -12.41 16.65 4.15
C LEU B 59 -11.36 17.72 4.24
N GLN B 60 -10.15 17.33 4.65
CA GLN B 60 -8.99 18.24 4.69
C GLN B 60 -7.86 17.69 3.82
N ALA B 61 -7.39 18.50 2.86
CA ALA B 61 -6.20 18.19 2.06
C ALA B 61 -4.94 18.29 2.89
N ASP B 62 -3.95 17.45 2.57
CA ASP B 62 -2.64 17.49 3.20
C ASP B 62 -2.04 18.86 2.84
N PRO B 63 -1.20 19.43 3.73
CA PRO B 63 -0.57 20.70 3.35
C PRO B 63 0.29 20.65 2.05
N ASP B 64 0.74 19.46 1.63
CA ASP B 64 1.43 19.28 0.36
C ASP B 64 0.52 19.43 -0.86
N ASN B 65 -0.80 19.55 -0.60
CA ASN B 65 -1.86 19.56 -1.63
C ASN B 65 -2.68 20.90 -1.79
N TYR B 66 -2.33 21.96 -1.10
CA TYR B 66 -3.03 23.23 -1.33
C TYR B 66 -2.24 24.45 -0.96
N ASP B 67 -2.70 25.58 -1.48
CA ASP B 67 -2.21 26.87 -1.09
C ASP B 67 -3.41 27.77 -0.92
N ALA B 68 -3.15 29.04 -0.77
CA ALA B 68 -4.22 29.92 -0.52
C ALA B 68 -5.32 29.96 -1.59
N THR B 69 -5.03 29.56 -2.84
CA THR B 69 -5.98 29.68 -3.97
C THR B 69 -6.45 28.36 -4.57
N ASN B 70 -5.55 27.41 -4.65
CA ASN B 70 -5.84 26.13 -5.34
C ASN B 70 -5.67 24.91 -4.44
N LEU B 71 -6.48 23.90 -4.77
CA LEU B 71 -6.27 22.51 -4.37
C LEU B 71 -5.52 21.84 -5.53
N TYR B 72 -4.50 21.03 -5.22
CA TYR B 72 -3.75 20.37 -6.28
C TYR B 72 -3.19 19.01 -5.88
N MET B 73 -3.16 18.10 -6.86
CA MET B 73 -2.39 16.88 -6.73
C MET B 73 -0.91 17.21 -6.96
N THR B 74 0.00 16.50 -6.29
CA THR B 74 1.41 16.86 -6.37
C THR B 74 2.31 15.70 -6.70
N SER B 75 3.33 15.94 -7.51
CA SER B 75 4.29 14.89 -7.86
C SER B 75 5.42 14.87 -6.84
N ARG B 76 6.33 13.90 -6.98
CA ARG B 76 7.49 13.76 -6.11
C ARG B 76 8.38 14.99 -6.21
N ASN B 77 8.32 15.68 -7.35
CA ASN B 77 9.10 16.94 -7.56
C ASN B 77 8.30 18.22 -7.30
N HIS B 78 7.17 18.08 -6.64
CA HIS B 78 6.31 19.19 -6.30
C HIS B 78 5.77 19.93 -7.52
N ASP B 79 5.63 19.20 -8.62
CA ASP B 79 4.77 19.64 -9.70
C ASP B 79 3.33 19.57 -9.16
N LYS B 80 2.49 20.48 -9.63
CA LYS B 80 1.14 20.66 -9.10
C LYS B 80 0.10 20.60 -10.24
N LEU B 81 -0.91 19.76 -10.07
CA LEU B 81 -2.06 19.68 -10.99
C LEU B 81 -3.29 20.18 -10.23
N ASN B 82 -3.72 21.39 -10.55
CA ASN B 82 -4.87 21.99 -9.88
C ASN B 82 -6.11 21.15 -10.18
N VAL B 83 -6.86 20.84 -9.13
CA VAL B 83 -8.08 20.03 -9.23
C VAL B 83 -9.19 20.65 -8.38
N LYS B 84 -10.40 20.14 -8.59
CA LYS B 84 -11.57 20.56 -7.86
C LYS B 84 -12.44 19.36 -7.50
N LEU B 85 -13.24 19.56 -6.45
CA LEU B 85 -14.07 18.54 -5.84
C LEU B 85 -15.58 18.83 -5.99
N LYS B 86 -16.36 17.78 -6.22
CA LYS B 86 -17.82 17.90 -6.29
C LYS B 86 -18.48 16.61 -5.87
N ALA B 87 -19.43 16.70 -4.95
CA ALA B 87 -20.16 15.50 -4.53
C ALA B 87 -21.04 15.01 -5.69
N THR B 88 -21.09 13.70 -5.91
CA THR B 88 -21.75 13.18 -7.11
C THR B 88 -23.28 13.17 -7.00
N ASP B 89 -23.82 13.45 -5.81
CA ASP B 89 -25.27 13.38 -5.54
C ASP B 89 -25.91 14.76 -5.60
N GLY B 90 -25.14 15.77 -5.97
CA GLY B 90 -25.63 17.13 -6.09
C GLY B 90 -25.77 17.86 -4.77
N SER B 91 -25.38 17.23 -3.66
CA SER B 91 -25.41 17.90 -2.35
C SER B 91 -24.46 19.09 -2.34
N SER B 92 -24.73 20.06 -1.46
CA SER B 92 -24.00 21.32 -1.41
C SER B 92 -22.83 21.23 -0.46
N TRP B 93 -21.64 21.63 -0.94
CA TRP B 93 -20.40 21.67 -0.18
C TRP B 93 -19.69 22.97 -0.56
N THR B 94 -18.78 23.39 0.32
CA THR B 94 -17.93 24.54 0.08
C THR B 94 -16.46 24.12 0.12
N TYR B 95 -15.68 24.61 -0.84
CA TYR B 95 -14.22 24.45 -0.78
C TYR B 95 -13.52 25.78 -0.47
N GLY B 96 -12.57 25.74 0.46
CA GLY B 96 -11.62 26.84 0.62
C GLY B 96 -10.52 26.46 1.55
N ASN B 97 -9.31 26.92 1.22
CA ASN B 97 -8.16 26.74 2.06
C ASN B 97 -7.92 25.29 2.52
N GLY B 98 -8.01 24.39 1.55
CA GLY B 98 -7.72 22.98 1.82
C GLY B 98 -8.84 22.15 2.44
N VAL B 99 -9.97 22.80 2.70
CA VAL B 99 -11.08 22.13 3.38
C VAL B 99 -12.30 22.13 2.45
N PHE B 100 -12.94 20.96 2.36
CA PHE B 100 -14.16 20.76 1.60
C PHE B 100 -15.22 20.33 2.65
N TYR B 101 -16.20 21.20 2.94
CA TYR B 101 -17.15 20.96 4.01
C TYR B 101 -18.58 21.08 3.56
N LYS B 102 -19.42 20.21 4.12
CA LYS B 102 -20.80 20.01 3.69
C LYS B 102 -21.69 21.08 4.28
N THR B 103 -22.59 21.61 3.47
CA THR B 103 -23.44 22.72 3.89
C THR B 103 -24.44 22.29 4.98
N GLU B 104 -25.16 21.20 4.72
CA GLU B 104 -26.10 20.65 5.70
C GLU B 104 -25.43 19.64 6.61
N GLY B 105 -25.72 19.73 7.90
CA GLY B 105 -25.15 18.85 8.90
C GLY B 105 -25.76 17.45 8.87
N GLY B 106 -25.13 16.55 9.64
CA GLY B 106 -25.67 15.22 9.84
C GLY B 106 -24.96 14.19 8.99
N ASN B 107 -25.38 12.93 9.14
CA ASN B 107 -24.74 11.82 8.42
C ASN B 107 -24.99 11.87 6.94
N TRP B 108 -24.02 11.36 6.19
CA TRP B 108 -24.06 11.36 4.76
C TRP B 108 -23.10 10.31 4.30
N GLY B 109 -23.41 9.68 3.19
CA GLY B 109 -22.48 8.79 2.53
C GLY B 109 -22.62 8.93 1.05
N GLY B 110 -21.51 8.86 0.35
CA GLY B 110 -21.57 9.03 -1.08
C GLY B 110 -20.17 9.14 -1.62
N HIS B 111 -20.04 9.92 -2.69
CA HIS B 111 -18.78 9.96 -3.42
C HIS B 111 -18.48 11.37 -3.85
N VAL B 112 -17.18 11.71 -3.78
CA VAL B 112 -16.71 13.05 -4.22
C VAL B 112 -15.83 12.86 -5.46
N GLY B 113 -16.24 13.51 -6.56
CA GLY B 113 -15.54 13.47 -7.82
C GLY B 113 -14.38 14.48 -7.78
N ILE B 114 -13.27 14.08 -8.38
CA ILE B 114 -12.08 14.95 -8.56
C ILE B 114 -11.90 15.16 -10.06
N SER B 115 -11.75 16.43 -10.49
CA SER B 115 -11.56 16.77 -11.90
C SER B 115 -10.52 17.85 -12.04
N VAL B 116 -9.98 17.93 -13.24
CA VAL B 116 -9.02 18.98 -13.59
C VAL B 116 -9.64 20.36 -13.48
N ASP B 117 -8.96 21.29 -12.81
CA ASP B 117 -9.42 22.67 -12.59
C ASP B 117 -8.55 23.63 -13.40
N GLY B 118 -9.00 23.92 -14.62
CA GLY B 118 -8.31 24.74 -15.59
C GLY B 118 -7.43 23.92 -16.54
N ASN B 119 -7.32 24.34 -17.79
CA ASN B 119 -6.45 23.70 -18.76
C ASN B 119 -4.98 23.74 -18.27
N GLN B 120 -4.34 22.58 -18.24
CA GLN B 120 -2.98 22.38 -17.75
C GLN B 120 -2.17 21.36 -18.58
N THR B 121 -2.26 21.50 -19.89
CA THR B 121 -1.54 20.60 -20.78
C THR B 121 0.00 20.81 -20.76
N ASP B 122 0.49 21.86 -20.13
CA ASP B 122 1.94 22.11 -19.99
C ASP B 122 2.57 21.43 -18.79
N LYS B 123 1.79 20.75 -17.95
CA LYS B 123 2.33 20.03 -16.78
C LYS B 123 3.10 18.76 -17.21
N PRO B 124 4.16 18.38 -16.47
CA PRO B 124 5.00 17.26 -16.80
C PRO B 124 4.41 15.88 -16.49
N THR B 125 4.96 14.88 -17.15
CA THR B 125 4.63 13.49 -16.87
C THR B 125 5.07 13.11 -15.45
N GLY B 126 4.35 12.14 -14.88
CA GLY B 126 4.74 11.53 -13.61
C GLY B 126 3.54 11.25 -12.73
N GLU B 127 3.80 10.73 -11.54
CA GLU B 127 2.75 10.33 -10.62
C GLU B 127 2.38 11.51 -9.72
N TYR B 128 1.09 11.86 -9.70
CA TYR B 128 0.57 12.90 -8.83
C TYR B 128 -0.36 12.32 -7.79
N THR B 129 -0.29 12.84 -6.58
CA THR B 129 -1.05 12.29 -5.43
C THR B 129 -1.80 13.39 -4.67
N LEU B 130 -2.96 13.00 -4.16
CA LEU B 130 -3.79 13.86 -3.33
C LEU B 130 -4.28 13.05 -2.13
N ASN B 131 -4.01 13.52 -0.92
CA ASN B 131 -4.52 12.87 0.28
C ASN B 131 -5.58 13.77 0.92
N LEU B 132 -6.70 13.16 1.28
CA LEU B 132 -7.83 13.85 1.91
C LEU B 132 -8.19 13.12 3.21
N THR B 133 -8.28 13.87 4.31
CA THR B 133 -8.54 13.29 5.62
C THR B 133 -9.94 13.69 6.11
N GLY B 134 -10.64 12.74 6.70
CA GLY B 134 -11.98 12.96 7.18
C GLY B 134 -12.04 13.68 8.51
N GLY B 135 -13.09 14.46 8.67
CA GLY B 135 -13.36 15.13 9.92
C GLY B 135 -14.65 15.90 9.81
N TYR B 136 -14.81 16.94 10.63
CA TYR B 136 -16.00 17.74 10.58
C TYR B 136 -15.66 19.22 10.78
N TRP B 137 -16.58 20.06 10.37
CA TRP B 137 -16.39 21.49 10.40
C TRP B 137 -17.28 22.07 11.48
N THR B 138 -16.70 22.95 12.29
CA THR B 138 -17.48 23.72 13.28
C THR B 138 -17.30 25.22 13.08
N ASN B 139 -18.29 25.98 13.53
CA ASN B 139 -18.31 27.45 13.42
C ASN B 139 -18.26 28.08 14.81
N THR C 2 13.26 -18.40 22.35
CA THR C 2 13.85 -17.34 21.50
C THR C 2 13.11 -17.30 20.17
N PHE C 3 12.84 -16.09 19.69
CA PHE C 3 12.16 -15.90 18.39
C PHE C 3 13.18 -15.81 17.27
N GLN C 4 12.93 -16.54 16.20
CA GLN C 4 13.71 -16.43 14.96
C GLN C 4 12.79 -15.98 13.83
N ALA C 5 13.15 -14.87 13.21
CA ALA C 5 12.33 -14.29 12.15
C ALA C 5 12.41 -15.14 10.91
N SER C 6 11.28 -15.46 10.32
CA SER C 6 11.21 -16.20 9.07
C SER C 6 9.76 -16.12 8.56
N GLY C 7 9.56 -15.29 7.56
CA GLY C 7 8.23 -15.04 7.04
C GLY C 7 8.01 -13.55 6.82
N THR C 8 6.74 -13.18 6.78
CA THR C 8 6.32 -11.83 6.39
C THR C 8 5.74 -11.02 7.57
N THR C 9 5.53 -9.73 7.31
CA THR C 9 5.00 -8.82 8.29
C THR C 9 3.59 -8.35 7.89
N GLY C 10 2.69 -8.40 8.85
CA GLY C 10 1.34 -7.89 8.68
C GLY C 10 1.11 -6.65 9.52
N ILE C 11 0.61 -5.59 8.90
CA ILE C 11 0.26 -4.36 9.60
C ILE C 11 -1.24 -4.35 9.94
N THR C 12 -1.54 -3.94 11.17
CA THR C 12 -2.92 -3.71 11.61
C THR C 12 -3.01 -2.26 12.02
N THR C 13 -4.02 -1.58 11.47
CA THR C 13 -4.25 -0.18 11.72
C THR C 13 -5.62 0.05 12.35
N LEU C 14 -5.64 0.93 13.35
CA LEU C 14 -6.89 1.39 13.98
C LEU C 14 -6.82 2.90 14.08
N THR C 15 -7.85 3.60 13.60
CA THR C 15 -7.94 5.06 13.76
C THR C 15 -8.94 5.37 14.87
N VAL C 16 -8.45 5.98 15.95
CA VAL C 16 -9.28 6.44 17.05
C VAL C 16 -9.90 7.79 16.63
N THR C 17 -11.22 7.90 16.77
CA THR C 17 -11.96 9.07 16.28
C THR C 17 -12.72 9.75 17.42
N GLU C 18 -13.27 10.95 17.13
CA GLU C 18 -14.30 11.56 17.97
C GLU C 18 -15.61 10.84 17.62
N GLU C 19 -16.70 11.22 18.25
CA GLU C 19 -17.95 10.53 18.00
C GLU C 19 -18.47 10.67 16.55
N CYS C 20 -18.39 11.89 16.03
CA CYS C 20 -18.62 12.12 14.61
C CYS C 20 -17.31 11.82 13.87
N ARG C 21 -17.37 10.94 12.90
CA ARG C 21 -16.15 10.57 12.14
C ARG C 21 -16.47 10.34 10.68
N VAL C 22 -15.46 10.56 9.83
CA VAL C 22 -15.65 10.45 8.38
C VAL C 22 -14.57 9.53 7.80
N GLN C 23 -15.02 8.44 7.21
CA GLN C 23 -14.17 7.43 6.62
C GLN C 23 -14.01 7.81 5.15
N VAL C 24 -12.75 7.92 4.69
CA VAL C 24 -12.43 8.40 3.35
C VAL C 24 -11.62 7.34 2.62
N GLY C 25 -12.05 7.01 1.41
CA GLY C 25 -11.34 6.06 0.56
C GLY C 25 -11.41 4.65 1.12
N ASN C 26 -10.27 3.94 1.10
CA ASN C 26 -10.17 2.54 1.55
C ASN C 26 -10.62 2.34 3.00
N VAL C 27 -11.48 1.35 3.19
CA VAL C 27 -11.98 1.05 4.53
C VAL C 27 -10.91 0.45 5.45
N THR C 28 -10.70 1.11 6.58
CA THR C 28 -9.90 0.58 7.69
C THR C 28 -10.66 0.82 9.00
N ALA C 29 -10.24 0.17 10.08
CA ALA C 29 -11.00 0.20 11.31
C ALA C 29 -10.91 1.53 11.99
N THR C 30 -12.07 1.99 12.43
CA THR C 30 -12.14 3.15 13.29
C THR C 30 -12.89 2.78 14.56
N LEU C 31 -12.51 3.42 15.64
CA LEU C 31 -13.31 3.38 16.89
C LEU C 31 -13.30 4.75 17.57
N ALA C 32 -14.46 5.24 18.04
CA ALA C 32 -14.45 6.46 18.85
C ALA C 32 -13.74 6.22 20.20
N ARG C 33 -13.19 7.29 20.79
CA ARG C 33 -12.49 7.22 22.07
C ARG C 33 -13.35 6.48 23.08
N SER C 34 -14.63 6.83 23.10
CA SER C 34 -15.56 6.26 24.10
C SER C 34 -15.81 4.76 23.89
N LYS C 35 -15.40 4.23 22.74
CA LYS C 35 -15.59 2.83 22.43
C LYS C 35 -14.36 1.95 22.71
N LEU C 36 -13.32 2.53 23.28
CA LEU C 36 -12.09 1.81 23.61
C LEU C 36 -12.24 1.08 24.96
N LYS C 37 -13.23 0.19 25.02
CA LYS C 37 -13.52 -0.59 26.20
C LYS C 37 -12.80 -1.93 26.17
N ASP C 38 -12.52 -2.46 27.38
CA ASP C 38 -11.91 -3.78 27.49
C ASP C 38 -12.65 -4.79 26.60
N ASP C 39 -11.89 -5.56 25.82
CA ASP C 39 -12.40 -6.68 25.00
C ASP C 39 -13.06 -6.22 23.69
N THR C 40 -13.02 -4.94 23.38
CA THR C 40 -13.51 -4.48 22.10
C THR C 40 -12.67 -5.03 20.94
N ALA C 41 -13.32 -5.58 19.93
CA ALA C 41 -12.63 -6.18 18.80
C ALA C 41 -12.03 -5.07 17.94
N ILE C 42 -10.79 -5.23 17.50
CA ILE C 42 -10.12 -4.28 16.64
C ILE C 42 -9.97 -4.85 15.23
N GLY C 43 -9.44 -6.07 15.13
CA GLY C 43 -9.16 -6.66 13.85
C GLY C 43 -8.79 -8.12 13.94
N VAL C 44 -8.58 -8.74 12.79
CA VAL C 44 -8.06 -10.10 12.69
C VAL C 44 -6.94 -10.11 11.68
N ILE C 45 -5.99 -11.02 11.86
CA ILE C 45 -4.89 -11.13 10.94
C ILE C 45 -4.68 -12.60 10.60
N GLY C 46 -4.48 -12.88 9.33
CA GLY C 46 -4.20 -14.22 8.85
C GLY C 46 -2.80 -14.66 9.16
N VAL C 47 -2.67 -15.93 9.52
CA VAL C 47 -1.37 -16.48 9.92
C VAL C 47 -1.28 -17.88 9.41
N THR C 48 -0.25 -18.17 8.61
CA THR C 48 -0.06 -19.51 8.01
C THR C 48 1.40 -19.93 8.18
N ALA C 49 1.60 -21.05 8.86
CA ALA C 49 2.93 -21.61 9.09
C ALA C 49 3.09 -22.84 8.22
N LEU C 50 4.20 -22.88 7.47
CA LEU C 50 4.54 -23.98 6.57
C LEU C 50 6.00 -24.34 6.75
N GLY C 51 6.31 -25.62 6.56
CA GLY C 51 7.67 -26.16 6.77
C GLY C 51 8.13 -26.18 8.21
N CYS C 52 7.18 -26.21 9.15
CA CYS C 52 7.49 -26.03 10.56
C CYS C 52 7.35 -27.30 11.42
N ASN C 53 7.52 -28.46 10.80
CA ASN C 53 7.58 -29.72 11.58
C ASN C 53 8.64 -29.56 12.65
N GLY C 54 8.26 -29.84 13.89
CA GLY C 54 9.19 -29.78 15.00
C GLY C 54 9.46 -28.41 15.58
N LEU C 55 8.83 -27.38 15.03
CA LEU C 55 9.03 -26.00 15.50
C LEU C 55 7.68 -25.37 15.80
N GLN C 56 7.69 -24.41 16.72
CA GLN C 56 6.49 -23.68 17.13
C GLN C 56 6.35 -22.37 16.34
N ALA C 57 5.18 -22.19 15.71
CA ALA C 57 4.88 -20.96 14.97
C ALA C 57 4.84 -19.77 15.89
N ALA C 58 5.27 -18.61 15.40
CA ALA C 58 5.39 -17.43 16.23
C ALA C 58 5.21 -16.09 15.49
N LEU C 59 4.73 -15.08 16.23
CA LEU C 59 4.67 -13.69 15.77
C LEU C 59 5.51 -12.85 16.70
N GLN C 60 6.23 -11.89 16.12
CA GLN C 60 6.98 -10.90 16.89
C GLN C 60 6.49 -9.49 16.60
N ALA C 61 6.12 -8.76 17.65
CA ALA C 61 5.77 -7.35 17.52
C ALA C 61 7.02 -6.49 17.32
N ASP C 62 6.87 -5.39 16.60
CA ASP C 62 7.94 -4.39 16.48
C ASP C 62 8.35 -3.88 17.86
N PRO C 63 9.62 -3.47 18.00
CA PRO C 63 10.08 -2.90 19.27
C PRO C 63 9.23 -1.74 19.81
N ASP C 64 8.73 -0.94 18.88
CA ASP C 64 7.83 0.19 19.13
C ASP C 64 6.43 -0.26 19.66
N ASN C 65 6.18 -1.58 19.68
CA ASN C 65 4.84 -2.13 19.98
C ASN C 65 4.76 -2.94 21.27
N TYR C 66 5.83 -3.00 22.08
CA TYR C 66 5.69 -3.72 23.34
C TYR C 66 6.72 -3.31 24.39
N ASP C 67 6.40 -3.64 25.64
CA ASP C 67 7.36 -3.55 26.76
C ASP C 67 7.28 -4.82 27.63
N ALA C 68 7.89 -4.82 28.81
CA ALA C 68 7.85 -6.03 29.62
C ALA C 68 6.45 -6.47 30.02
N THR C 69 5.50 -5.53 30.05
CA THR C 69 4.18 -5.78 30.64
C THR C 69 3.04 -5.82 29.59
N ASN C 70 3.20 -5.05 28.51
CA ASN C 70 2.08 -4.85 27.55
C ASN C 70 2.47 -4.98 26.07
N LEU C 71 1.53 -5.48 25.25
CA LEU C 71 1.53 -5.34 23.79
C LEU C 71 0.65 -4.15 23.48
N TYR C 72 1.08 -3.27 22.60
CA TYR C 72 0.29 -2.08 22.26
C TYR C 72 0.45 -1.61 20.81
N MET C 73 -0.66 -1.10 20.27
CA MET C 73 -0.61 -0.29 19.05
C MET C 73 -0.09 1.09 19.42
N THR C 74 0.59 1.71 18.48
CA THR C 74 1.28 2.96 18.71
C THR C 74 0.91 4.00 17.66
N SER C 75 0.70 5.24 18.08
CA SER C 75 0.40 6.34 17.17
C SER C 75 1.69 7.06 16.77
N ARG C 76 1.64 7.95 15.77
CA ARG C 76 2.85 8.64 15.35
C ARG C 76 3.31 9.64 16.41
N ASN C 77 2.38 10.03 17.29
CA ASN C 77 2.71 10.82 18.48
C ASN C 77 3.12 9.98 19.70
N HIS C 78 3.39 8.69 19.47
CA HIS C 78 3.83 7.74 20.49
C HIS C 78 2.82 7.43 21.61
N ASP C 79 1.53 7.65 21.31
CA ASP C 79 0.47 7.19 22.18
C ASP C 79 0.37 5.67 22.05
N LYS C 80 0.02 5.02 23.13
CA LYS C 80 -0.04 3.57 23.19
C LYS C 80 -1.44 3.07 23.54
N LEU C 81 -1.95 2.14 22.73
CA LEU C 81 -3.22 1.48 23.01
C LEU C 81 -2.94 0.00 23.30
N ASN C 82 -3.12 -0.40 24.55
CA ASN C 82 -2.83 -1.77 24.94
C ASN C 82 -3.84 -2.71 24.30
N VAL C 83 -3.32 -3.80 23.75
CA VAL C 83 -4.11 -4.81 23.08
C VAL C 83 -3.66 -6.22 23.45
N LYS C 84 -4.42 -7.21 23.01
CA LYS C 84 -4.15 -8.60 23.29
C LYS C 84 -4.56 -9.46 22.11
N LEU C 85 -3.91 -10.62 22.00
CA LEU C 85 -4.01 -11.53 20.87
C LEU C 85 -4.64 -12.85 21.28
N LYS C 86 -5.49 -13.38 20.40
CA LYS C 86 -6.09 -14.70 20.60
C LYS C 86 -6.43 -15.37 19.27
N ALA C 87 -5.93 -16.58 19.08
CA ALA C 87 -6.29 -17.38 17.93
C ALA C 87 -7.79 -17.66 17.89
N THR C 88 -8.39 -17.52 16.72
CA THR C 88 -9.85 -17.66 16.61
C THR C 88 -10.39 -19.10 16.67
N ASP C 89 -9.50 -20.09 16.53
CA ASP C 89 -9.87 -21.52 16.54
C ASP C 89 -9.73 -22.17 17.90
N GLY C 90 -9.43 -21.40 18.92
CA GLY C 90 -9.29 -21.92 20.27
C GLY C 90 -7.94 -22.54 20.60
N SER C 91 -7.02 -22.57 19.64
CA SER C 91 -5.70 -23.15 19.88
C SER C 91 -4.92 -22.35 20.92
N SER C 92 -3.97 -23.04 21.54
CA SER C 92 -3.23 -22.54 22.69
C SER C 92 -1.94 -21.89 22.22
N TRP C 93 -1.77 -20.64 22.65
CA TRP C 93 -0.62 -19.80 22.36
C TRP C 93 -0.23 -19.09 23.64
N THR C 94 1.01 -18.64 23.70
CA THR C 94 1.55 -17.91 24.83
C THR C 94 1.97 -16.53 24.32
N TYR C 95 1.64 -15.48 25.08
CA TYR C 95 2.17 -14.15 24.84
C TYR C 95 3.17 -13.72 25.93
N GLY C 96 4.31 -13.19 25.50
CA GLY C 96 5.22 -12.51 26.43
C GLY C 96 6.34 -11.71 25.77
N ASN C 97 6.61 -10.52 26.28
CA ASN C 97 7.73 -9.71 25.79
C ASN C 97 7.78 -9.64 24.28
N GLY C 98 6.64 -9.25 23.71
CA GLY C 98 6.53 -9.03 22.27
C GLY C 98 6.39 -10.25 21.35
N VAL C 99 6.40 -11.47 21.90
CA VAL C 99 6.31 -12.70 21.10
C VAL C 99 5.04 -13.48 21.46
N PHE C 100 4.30 -13.91 20.43
CA PHE C 100 3.09 -14.71 20.55
C PHE C 100 3.43 -16.02 19.85
N TYR C 101 3.54 -17.13 20.61
CA TYR C 101 3.97 -18.41 20.02
C TYR C 101 3.06 -19.57 20.40
N LYS C 102 2.93 -20.49 19.47
CA LYS C 102 1.95 -21.55 19.57
C LYS C 102 2.54 -22.65 20.45
N THR C 103 1.73 -23.17 21.35
CA THR C 103 2.14 -24.22 22.27
C THR C 103 2.49 -25.52 21.54
N GLU C 104 1.62 -25.97 20.66
CA GLU C 104 1.87 -27.17 19.86
C GLU C 104 2.66 -26.83 18.58
N GLY C 105 3.77 -27.53 18.36
CA GLY C 105 4.61 -27.32 17.19
C GLY C 105 3.92 -27.81 15.93
N GLY C 106 4.52 -27.51 14.79
CA GLY C 106 4.00 -27.97 13.52
C GLY C 106 3.29 -26.88 12.74
N ASN C 107 2.88 -27.27 11.54
CA ASN C 107 2.20 -26.37 10.63
C ASN C 107 0.82 -26.06 11.13
N TRP C 108 0.33 -24.89 10.76
CA TRP C 108 -0.99 -24.41 11.17
C TRP C 108 -1.38 -23.23 10.31
N GLY C 109 -2.67 -23.16 9.99
CA GLY C 109 -3.23 -22.03 9.28
C GLY C 109 -4.47 -21.54 9.99
N GLY C 110 -4.54 -20.24 10.23
CA GLY C 110 -5.73 -19.71 10.92
C GLY C 110 -5.68 -18.21 10.99
N HIS C 111 -6.31 -17.67 12.02
CA HIS C 111 -6.40 -16.24 12.22
C HIS C 111 -6.20 -15.90 13.67
N VAL C 112 -5.60 -14.75 13.90
CA VAL C 112 -5.38 -14.23 15.24
C VAL C 112 -6.18 -12.92 15.39
N GLY C 113 -7.06 -12.87 16.41
CA GLY C 113 -7.81 -11.67 16.75
C GLY C 113 -7.03 -10.72 17.64
N ILE C 114 -7.24 -9.43 17.38
CA ILE C 114 -6.65 -8.34 18.15
C ILE C 114 -7.78 -7.59 18.82
N SER C 115 -7.69 -7.41 20.13
CA SER C 115 -8.72 -6.70 20.89
C SER C 115 -8.12 -5.76 21.89
N VAL C 116 -8.92 -4.78 22.33
CA VAL C 116 -8.52 -3.85 23.37
C VAL C 116 -8.28 -4.57 24.70
N ASP C 117 -7.13 -4.28 25.31
CA ASP C 117 -6.77 -4.91 26.58
C ASP C 117 -6.84 -3.85 27.68
N GLY C 118 -7.99 -3.83 28.36
CA GLY C 118 -8.28 -2.86 29.41
C GLY C 118 -8.97 -1.60 28.92
N ASN C 119 -9.86 -1.04 29.75
CA ASN C 119 -10.56 0.17 29.39
C ASN C 119 -9.60 1.32 29.19
N GLN C 120 -9.66 1.95 28.01
CA GLN C 120 -8.72 3.00 27.63
C GLN C 120 -9.40 4.15 26.90
N THR C 121 -10.52 4.61 27.44
CA THR C 121 -11.35 5.62 26.77
C THR C 121 -10.77 7.03 26.85
N ASP C 122 -9.66 7.22 27.56
CA ASP C 122 -8.99 8.52 27.61
C ASP C 122 -7.88 8.69 26.55
N LYS C 123 -7.62 7.66 25.73
CA LYS C 123 -6.58 7.76 24.70
C LYS C 123 -6.94 8.77 23.61
N PRO C 124 -5.95 9.50 23.07
CA PRO C 124 -6.23 10.49 22.04
C PRO C 124 -6.56 9.93 20.67
N THR C 125 -7.18 10.76 19.84
CA THR C 125 -7.50 10.42 18.47
C THR C 125 -6.23 10.30 17.60
N GLY C 126 -6.37 9.59 16.49
CA GLY C 126 -5.31 9.40 15.51
C GLY C 126 -5.12 7.96 15.06
N GLU C 127 -4.11 7.76 14.21
CA GLU C 127 -3.86 6.45 13.62
C GLU C 127 -2.84 5.66 14.43
N TYR C 128 -3.28 4.50 14.91
CA TYR C 128 -2.46 3.60 15.71
C TYR C 128 -2.14 2.37 14.87
N THR C 129 -0.90 1.87 15.00
CA THR C 129 -0.39 0.79 14.17
C THR C 129 0.21 -0.30 15.03
N LEU C 130 0.04 -1.55 14.60
CA LEU C 130 0.72 -2.70 15.17
C LEU C 130 1.29 -3.55 14.03
N ASN C 131 2.59 -3.82 14.08
CA ASN C 131 3.27 -4.65 13.08
C ASN C 131 3.64 -5.97 13.71
N LEU C 132 3.24 -7.08 13.10
CA LEU C 132 3.56 -8.41 13.56
C LEU C 132 4.30 -9.17 12.47
N THR C 133 5.45 -9.76 12.81
CA THR C 133 6.32 -10.44 11.86
C THR C 133 6.36 -11.93 12.15
N GLY C 134 6.30 -12.73 11.10
CA GLY C 134 6.28 -14.19 11.23
C GLY C 134 7.65 -14.78 11.50
N GLY C 135 7.63 -15.87 12.24
CA GLY C 135 8.85 -16.63 12.52
C GLY C 135 8.52 -17.86 13.33
N TYR C 136 9.50 -18.37 14.06
CA TYR C 136 9.25 -19.48 14.96
C TYR C 136 10.03 -19.36 16.25
N TRP C 137 9.58 -20.14 17.23
CA TRP C 137 10.11 -20.12 18.58
C TRP C 137 10.93 -21.39 18.80
N THR C 138 12.14 -21.20 19.33
CA THR C 138 13.03 -22.27 19.76
C THR C 138 13.10 -22.25 21.26
#